data_6T5K
#
_entry.id   6T5K
#
_cell.length_a   51.926
_cell.length_b   65.676
_cell.length_c   128.501
_cell.angle_alpha   90.000
_cell.angle_beta   90.000
_cell.angle_gamma   90.000
#
_symmetry.space_group_name_H-M   'C 2 2 21'
#
loop_
_entity.id
_entity.type
_entity.pdbx_description
1 polymer 'Zn-dependent hydrolase, glyoxylase'
2 non-polymer 1,2-ETHANEDIOL
3 non-polymer 'ZINC ION'
4 water water
#
_entity_poly.entity_id   1
_entity_poly.type   'polypeptide(L)'
_entity_poly.pdbx_seq_one_letter_code
;GGKSEKLQEHLVAEQTSTFTEKEVYSSDKLIIKQVSPHTYVHVSFLDTDTFGKVACNGMIVISDGEAVVFDTPSTSNETS
ELLSFLEEEKLQVNAVVATHFHLDCLGGLEAFHARNIPSYAFKNTLSLASQHDFPQPQKGFSDELTLKVGTKAVFVHYFG
EGHTQDNVIGYFPDDQVLFGGCLIKANGAGKGNLEDANVEAWPVTVNKISTAYPNLRLVIPGHGNWGDKTLLHYTETLFK
;
_entity_poly.pdbx_strand_id   C
#
loop_
_chem_comp.id
_chem_comp.type
_chem_comp.name
_chem_comp.formula
EDO non-polymer 1,2-ETHANEDIOL 'C2 H6 O2'
ZN non-polymer 'ZINC ION' 'Zn 2'
#
# COMPACT_ATOMS: atom_id res chain seq x y z
N SER A 17 18.83 -12.22 -12.52
CA SER A 17 17.97 -12.62 -11.40
C SER A 17 16.79 -11.67 -11.24
N THR A 18 16.87 -10.51 -11.90
CA THR A 18 15.82 -9.52 -11.77
C THR A 18 14.56 -9.98 -12.50
N PHE A 19 13.40 -9.62 -11.93
CA PHE A 19 12.13 -9.84 -12.63
C PHE A 19 11.98 -8.77 -13.69
N THR A 20 11.53 -9.17 -14.88
CA THR A 20 11.33 -8.19 -15.94
C THR A 20 9.98 -7.51 -15.73
N GLU A 21 10.01 -6.29 -15.21
CA GLU A 21 8.80 -5.54 -14.98
C GLU A 21 8.05 -5.32 -16.29
N LYS A 22 6.73 -5.33 -16.21
CA LYS A 22 5.89 -5.22 -17.40
C LYS A 22 4.69 -4.36 -17.06
N GLU A 23 4.45 -3.34 -17.89
CA GLU A 23 3.23 -2.56 -17.77
C GLU A 23 2.07 -3.40 -18.26
N VAL A 24 1.03 -3.54 -17.44
CA VAL A 24 -0.16 -4.31 -17.79
C VAL A 24 -1.39 -3.45 -17.97
N TYR A 25 -1.36 -2.18 -17.57
CA TYR A 25 -2.46 -1.26 -17.80
C TYR A 25 -1.91 0.15 -17.80
N SER A 26 -2.44 0.98 -18.70
CA SER A 26 -2.00 2.38 -18.75
C SER A 26 -3.14 3.22 -19.28
N SER A 27 -3.53 4.24 -18.52
CA SER A 27 -4.44 5.25 -19.01
C SER A 27 -3.92 6.60 -18.54
N ASP A 28 -4.73 7.64 -18.81
CA ASP A 28 -4.42 9.00 -18.39
C ASP A 28 -4.27 9.11 -16.88
N LYS A 29 -4.99 8.28 -16.14
CA LYS A 29 -5.14 8.47 -14.71
C LYS A 29 -4.54 7.35 -13.88
N LEU A 30 -4.23 6.22 -14.50
CA LEU A 30 -3.80 5.04 -13.74
C LEU A 30 -2.84 4.20 -14.54
N ILE A 31 -1.75 3.77 -13.91
CA ILE A 31 -0.80 2.84 -14.50
C ILE A 31 -0.69 1.65 -13.56
N ILE A 32 -0.66 0.45 -14.12
CA ILE A 32 -0.39 -0.76 -13.34
C ILE A 32 0.81 -1.47 -13.94
N LYS A 33 1.79 -1.77 -13.09
CA LYS A 33 3.02 -2.41 -13.53
C LYS A 33 3.20 -3.69 -12.73
N GLN A 34 3.45 -4.80 -13.42
CA GLN A 34 3.83 -6.03 -12.73
C GLN A 34 5.29 -5.93 -12.34
N VAL A 35 5.58 -6.11 -11.05
CA VAL A 35 6.92 -5.94 -10.52
C VAL A 35 7.51 -7.21 -9.95
N SER A 36 6.73 -8.28 -9.85
CA SER A 36 7.22 -9.59 -9.43
C SER A 36 6.22 -10.60 -9.96
N PRO A 37 6.49 -11.89 -9.79
CA PRO A 37 5.54 -12.88 -10.35
C PRO A 37 4.10 -12.68 -9.92
N HIS A 38 3.87 -12.25 -8.67
CA HIS A 38 2.53 -12.12 -8.15
C HIS A 38 2.18 -10.71 -7.66
N THR A 39 3.06 -9.73 -7.79
CA THR A 39 2.73 -8.40 -7.28
C THR A 39 2.88 -7.34 -8.35
N TYR A 40 2.07 -6.30 -8.17
CA TYR A 40 1.90 -5.23 -9.12
C TYR A 40 1.83 -3.92 -8.34
N VAL A 41 2.31 -2.85 -8.95
CA VAL A 41 2.13 -1.51 -8.39
C VAL A 41 1.05 -0.80 -9.19
N HIS A 42 0.06 -0.22 -8.52
CA HIS A 42 -0.87 0.68 -9.17
C HIS A 42 -0.46 2.11 -8.84
N VAL A 43 -0.44 2.96 -9.87
CA VAL A 43 0.08 4.33 -9.75
C VAL A 43 -1.00 5.28 -10.23
N SER A 44 -1.38 6.21 -9.36
CA SER A 44 -2.31 7.29 -9.68
C SER A 44 -1.68 8.62 -9.28
N PHE A 45 -2.25 9.72 -9.73
CA PHE A 45 -1.53 10.98 -9.68
C PHE A 45 -2.35 12.04 -8.95
N LEU A 46 -1.66 12.80 -8.10
CA LEU A 46 -2.28 13.76 -7.21
C LEU A 46 -1.58 15.11 -7.42
N ASP A 47 -2.35 16.12 -7.81
CA ASP A 47 -1.84 17.48 -7.95
C ASP A 47 -2.11 18.21 -6.64
N THR A 48 -1.06 18.38 -5.84
CA THR A 48 -1.20 18.87 -4.48
C THR A 48 -0.51 20.22 -4.31
N ASP A 49 -0.89 20.90 -3.22
CA ASP A 49 -0.47 22.28 -3.01
C ASP A 49 1.05 22.41 -2.97
N THR A 50 1.69 21.67 -2.06
CA THR A 50 3.05 21.98 -1.62
C THR A 50 4.13 21.16 -2.30
N PHE A 51 3.78 20.07 -2.99
CA PHE A 51 4.80 19.15 -3.47
C PHE A 51 4.73 18.85 -4.97
N GLY A 52 3.79 19.45 -5.71
CA GLY A 52 3.75 19.31 -7.15
C GLY A 52 2.73 18.30 -7.63
N LYS A 53 2.97 17.67 -8.78
CA LYS A 53 2.16 16.53 -9.19
C LYS A 53 2.80 15.26 -8.63
N VAL A 54 2.00 14.49 -7.89
CA VAL A 54 2.50 13.46 -6.98
C VAL A 54 1.97 12.12 -7.43
N ALA A 55 2.89 11.19 -7.73
CA ALA A 55 2.45 9.83 -7.97
C ALA A 55 2.18 9.15 -6.63
N CYS A 56 1.08 8.41 -6.56
CA CYS A 56 0.69 7.65 -5.38
C CYS A 56 0.66 6.18 -5.76
N ASN A 57 1.31 5.35 -4.95
CA ASN A 57 1.41 3.92 -5.22
C ASN A 57 0.49 3.12 -4.31
N GLY A 58 -0.10 2.07 -4.88
CA GLY A 58 -0.59 0.95 -4.10
C GLY A 58 -0.05 -0.34 -4.70
N MET A 59 -0.49 -1.44 -4.12
CA MET A 59 -0.01 -2.75 -4.54
C MET A 59 -1.22 -3.64 -4.82
N ILE A 60 -1.10 -4.51 -5.81
CA ILE A 60 -2.03 -5.60 -6.03
C ILE A 60 -1.23 -6.89 -5.92
N VAL A 61 -1.73 -7.83 -5.15
CA VAL A 61 -1.20 -9.20 -5.13
C VAL A 61 -2.20 -10.06 -5.85
N ILE A 62 -1.74 -10.84 -6.83
CA ILE A 62 -2.59 -11.71 -7.64
C ILE A 62 -2.02 -13.12 -7.62
N SER A 63 -2.87 -14.10 -7.29
CA SER A 63 -2.44 -15.49 -7.36
C SER A 63 -3.68 -16.35 -7.55
N ASP A 64 -3.57 -17.32 -8.46
CA ASP A 64 -4.62 -18.30 -8.66
C ASP A 64 -5.99 -17.67 -8.92
N GLY A 65 -6.01 -16.59 -9.71
CA GLY A 65 -7.25 -15.94 -10.09
C GLY A 65 -7.87 -15.08 -9.03
N GLU A 66 -7.15 -14.79 -7.95
CA GLU A 66 -7.64 -13.97 -6.87
C GLU A 66 -6.68 -12.82 -6.64
N ALA A 67 -7.22 -11.73 -6.08
CA ALA A 67 -6.43 -10.52 -5.88
C ALA A 67 -6.77 -9.85 -4.56
N VAL A 68 -5.74 -9.25 -3.95
CA VAL A 68 -5.93 -8.34 -2.83
C VAL A 68 -5.26 -7.02 -3.16
N VAL A 69 -5.93 -5.92 -2.87
CA VAL A 69 -5.44 -4.58 -3.18
C VAL A 69 -5.02 -3.87 -1.89
N PHE A 70 -3.87 -3.23 -1.93
CA PHE A 70 -3.38 -2.36 -0.86
C PHE A 70 -3.44 -0.94 -1.38
N ASP A 71 -4.25 -0.13 -0.69
CA ASP A 71 -4.55 1.27 -0.98
C ASP A 71 -5.44 1.42 -2.21
N THR A 72 -6.34 2.36 -2.11
CA THR A 72 -7.05 2.80 -3.29
C THR A 72 -6.31 3.98 -3.91
N PRO A 73 -6.48 4.20 -5.21
CA PRO A 73 -6.22 5.54 -5.74
C PRO A 73 -6.98 6.60 -4.96
N SER A 74 -6.58 7.86 -5.05
CA SER A 74 -7.22 8.90 -4.24
C SER A 74 -8.68 9.11 -4.60
N THR A 75 -9.03 8.92 -5.86
CA THR A 75 -10.36 9.29 -6.28
C THR A 75 -11.19 8.06 -6.59
N SER A 76 -12.51 8.24 -6.50
N SER A 76 -12.52 8.24 -6.50
CA SER A 76 -13.45 7.18 -6.87
CA SER A 76 -13.44 7.17 -6.87
C SER A 76 -13.24 6.76 -8.31
C SER A 76 -13.29 6.76 -8.32
N ASN A 77 -13.09 7.74 -9.22
CA ASN A 77 -12.96 7.44 -10.63
C ASN A 77 -11.79 6.53 -10.87
N GLU A 78 -10.64 6.85 -10.27
N GLU A 78 -10.63 6.89 -10.31
CA GLU A 78 -9.45 6.04 -10.50
CA GLU A 78 -9.47 6.05 -10.53
C GLU A 78 -9.58 4.67 -9.87
C GLU A 78 -9.63 4.66 -9.89
N THR A 79 -10.31 4.56 -8.76
CA THR A 79 -10.50 3.27 -8.14
C THR A 79 -11.40 2.40 -9.00
N SER A 80 -12.46 2.98 -9.57
CA SER A 80 -13.30 2.24 -10.51
C SER A 80 -12.50 1.76 -11.72
N GLU A 81 -11.55 2.56 -12.20
CA GLU A 81 -10.70 2.13 -13.30
C GLU A 81 -9.87 0.91 -12.90
N LEU A 82 -9.29 0.96 -11.71
CA LEU A 82 -8.56 -0.19 -11.20
C LEU A 82 -9.45 -1.43 -11.15
N LEU A 83 -10.64 -1.30 -10.60
CA LEU A 83 -11.50 -2.46 -10.43
C LEU A 83 -11.98 -2.98 -11.77
N SER A 84 -12.21 -2.07 -12.74
N SER A 84 -12.21 -2.08 -12.73
CA SER A 84 -12.57 -2.50 -14.08
CA SER A 84 -12.57 -2.52 -14.07
C SER A 84 -11.47 -3.36 -14.69
C SER A 84 -11.47 -3.37 -14.70
N PHE A 85 -10.21 -2.99 -14.48
CA PHE A 85 -9.13 -3.80 -15.02
C PHE A 85 -9.13 -5.18 -14.37
N LEU A 86 -9.25 -5.23 -13.05
CA LEU A 86 -9.26 -6.53 -12.37
C LEU A 86 -10.41 -7.39 -12.86
N GLU A 87 -11.57 -6.76 -13.10
CA GLU A 87 -12.70 -7.48 -13.65
C GLU A 87 -12.44 -7.95 -15.07
N GLU A 88 -11.82 -7.14 -15.92
CA GLU A 88 -11.54 -7.63 -17.26
C GLU A 88 -10.61 -8.81 -17.23
N GLU A 89 -9.70 -8.83 -16.25
CA GLU A 89 -8.78 -9.95 -16.10
C GLU A 89 -9.42 -11.14 -15.43
N LYS A 90 -10.71 -11.07 -15.13
CA LYS A 90 -11.46 -12.23 -14.63
C LYS A 90 -11.02 -12.62 -13.22
N LEU A 91 -10.61 -11.63 -12.43
CA LEU A 91 -10.07 -11.89 -11.11
C LEU A 91 -11.12 -11.73 -10.03
N GLN A 92 -11.08 -12.62 -9.05
CA GLN A 92 -11.87 -12.44 -7.83
C GLN A 92 -11.10 -11.52 -6.87
N VAL A 93 -11.67 -10.37 -6.56
CA VAL A 93 -11.03 -9.40 -5.68
C VAL A 93 -11.53 -9.69 -4.26
N ASN A 94 -10.62 -10.20 -3.44
CA ASN A 94 -11.00 -10.69 -2.13
C ASN A 94 -11.08 -9.60 -1.07
N ALA A 95 -10.27 -8.56 -1.18
CA ALA A 95 -10.20 -7.58 -0.11
C ALA A 95 -9.42 -6.38 -0.61
N VAL A 96 -9.66 -5.25 0.05
CA VAL A 96 -8.83 -4.07 -0.05
C VAL A 96 -8.35 -3.69 1.34
N VAL A 97 -7.11 -3.21 1.44
CA VAL A 97 -6.51 -2.79 2.68
C VAL A 97 -6.14 -1.31 2.56
N ALA A 98 -6.57 -0.50 3.52
CA ALA A 98 -6.16 0.90 3.59
C ALA A 98 -5.00 0.98 4.56
N THR A 99 -3.82 1.35 4.08
CA THR A 99 -2.64 1.27 4.92
C THR A 99 -2.46 2.44 5.89
N HIS A 100 -3.24 3.50 5.76
CA HIS A 100 -3.44 4.49 6.82
C HIS A 100 -4.68 5.29 6.44
N PHE A 101 -5.02 6.27 7.27
CA PHE A 101 -6.32 6.93 7.11
C PHE A 101 -6.37 8.02 6.04
N HIS A 102 -5.26 8.36 5.39
CA HIS A 102 -5.28 9.46 4.42
C HIS A 102 -5.98 9.05 3.10
N LEU A 103 -6.28 10.05 2.29
CA LEU A 103 -7.08 9.81 1.07
C LEU A 103 -6.33 9.03 -0.02
N ASP A 104 -5.00 9.05 -0.04
CA ASP A 104 -4.26 8.24 -0.99
C ASP A 104 -4.14 6.78 -0.54
N CYS A 105 -4.89 6.42 0.50
CA CYS A 105 -5.08 5.05 0.93
C CYS A 105 -6.52 4.62 0.82
N LEU A 106 -7.49 5.53 1.06
CA LEU A 106 -8.86 5.07 1.19
C LEU A 106 -9.89 5.95 0.50
N GLY A 107 -9.45 6.92 -0.30
CA GLY A 107 -10.41 7.79 -0.94
C GLY A 107 -11.41 7.05 -1.81
N GLY A 108 -11.02 5.91 -2.35
CA GLY A 108 -11.89 5.15 -3.22
C GLY A 108 -12.57 3.93 -2.63
N LEU A 109 -12.68 3.85 -1.31
CA LEU A 109 -13.21 2.62 -0.73
C LEU A 109 -14.64 2.32 -1.18
N GLU A 110 -15.46 3.34 -1.45
CA GLU A 110 -16.86 3.05 -1.77
C GLU A 110 -16.96 2.22 -3.05
N ALA A 111 -16.01 2.36 -3.98
CA ALA A 111 -16.01 1.53 -5.17
C ALA A 111 -15.84 0.05 -4.81
N PHE A 112 -15.05 -0.25 -3.79
CA PHE A 112 -14.92 -1.62 -3.34
C PHE A 112 -16.18 -2.06 -2.60
N HIS A 113 -16.70 -1.20 -1.72
CA HIS A 113 -17.86 -1.56 -0.95
C HIS A 113 -19.05 -1.81 -1.85
N ALA A 114 -19.22 -0.99 -2.88
CA ALA A 114 -20.33 -1.18 -3.81
C ALA A 114 -20.34 -2.57 -4.41
N ARG A 115 -19.17 -3.17 -4.57
CA ARG A 115 -19.00 -4.50 -5.13
C ARG A 115 -18.97 -5.59 -4.07
N ASN A 116 -19.28 -5.24 -2.82
CA ASN A 116 -19.28 -6.21 -1.72
C ASN A 116 -17.89 -6.80 -1.51
N ILE A 117 -16.86 -6.02 -1.80
CA ILE A 117 -15.49 -6.40 -1.48
C ILE A 117 -15.16 -5.82 -0.11
N PRO A 118 -14.73 -6.62 0.85
CA PRO A 118 -14.52 -6.09 2.19
C PRO A 118 -13.23 -5.28 2.27
N SER A 119 -13.26 -4.27 3.12
CA SER A 119 -12.11 -3.42 3.37
C SER A 119 -11.60 -3.60 4.79
N TYR A 120 -10.28 -3.59 4.92
CA TYR A 120 -9.62 -3.81 6.19
C TYR A 120 -8.60 -2.71 6.44
N ALA A 121 -8.32 -2.47 7.71
CA ALA A 121 -7.31 -1.48 8.08
C ALA A 121 -6.97 -1.67 9.55
N PHE A 122 -5.88 -1.06 9.97
CA PHE A 122 -5.58 -1.03 11.40
C PHE A 122 -6.77 -0.47 12.17
N LYS A 123 -6.99 -1.01 13.36
CA LYS A 123 -8.15 -0.59 14.15
C LYS A 123 -8.24 0.93 14.28
N ASN A 124 -7.12 1.61 14.48
CA ASN A 124 -7.16 3.05 14.66
C ASN A 124 -7.39 3.79 13.36
N THR A 125 -7.13 3.17 12.21
CA THR A 125 -7.49 3.79 10.94
C THR A 125 -8.99 3.98 10.82
N LEU A 126 -9.77 3.05 11.34
CA LEU A 126 -11.23 3.20 11.27
C LEU A 126 -11.67 4.47 12.01
N SER A 127 -11.20 4.66 13.23
CA SER A 127 -11.63 5.83 13.99
C SER A 127 -11.08 7.11 13.39
N LEU A 128 -9.83 7.09 12.93
CA LEU A 128 -9.27 8.30 12.31
C LEU A 128 -10.03 8.67 11.04
N ALA A 129 -10.37 7.67 10.23
CA ALA A 129 -11.14 7.96 9.02
C ALA A 129 -12.47 8.61 9.38
N SER A 130 -13.15 8.04 10.37
CA SER A 130 -14.42 8.59 10.77
C SER A 130 -14.28 10.02 11.27
N GLN A 131 -13.26 10.28 12.08
CA GLN A 131 -13.12 11.63 12.61
C GLN A 131 -12.81 12.64 11.53
N HIS A 132 -12.16 12.21 10.46
CA HIS A 132 -11.85 13.09 9.34
C HIS A 132 -12.96 13.14 8.30
N ASP A 133 -14.04 12.40 8.49
CA ASP A 133 -15.13 12.31 7.51
C ASP A 133 -14.61 11.78 6.16
N PHE A 134 -13.71 10.80 6.23
CA PHE A 134 -13.22 10.10 5.05
C PHE A 134 -13.92 8.75 4.94
N PRO A 135 -13.91 8.13 3.75
CA PRO A 135 -14.45 6.77 3.62
C PRO A 135 -13.87 5.84 4.66
N GLN A 136 -14.73 5.02 5.25
CA GLN A 136 -14.31 4.23 6.42
C GLN A 136 -14.06 2.79 6.06
N PRO A 137 -12.89 2.25 6.35
CA PRO A 137 -12.70 0.79 6.25
C PRO A 137 -13.69 0.07 7.14
N GLN A 138 -14.08 -1.12 6.71
CA GLN A 138 -15.14 -1.85 7.40
C GLN A 138 -14.63 -2.69 8.56
N LYS A 139 -13.43 -3.24 8.44
CA LYS A 139 -12.95 -4.24 9.39
C LYS A 139 -11.59 -3.80 9.91
N GLY A 140 -11.46 -3.74 11.23
CA GLY A 140 -10.20 -3.37 11.83
C GLY A 140 -9.46 -4.58 12.36
N PHE A 141 -8.15 -4.44 12.44
CA PHE A 141 -7.31 -5.46 13.07
C PHE A 141 -6.32 -4.79 14.00
N SER A 142 -5.84 -5.53 14.99
N SER A 142 -5.83 -5.56 14.97
CA SER A 142 -5.10 -4.85 16.03
CA SER A 142 -4.72 -5.12 15.80
C SER A 142 -3.60 -4.99 15.89
C SER A 142 -3.56 -6.08 15.70
N ASP A 143 -3.11 -5.85 15.03
N ASP A 143 -3.79 -7.37 15.98
CA ASP A 143 -1.76 -6.36 15.09
CA ASP A 143 -2.82 -8.39 15.63
C ASP A 143 -1.21 -6.86 13.76
C ASP A 143 -2.74 -8.51 14.11
N GLU A 144 -1.63 -8.11 13.42
N GLU A 144 -1.58 -8.95 13.65
CA GLU A 144 -1.34 -8.75 12.13
CA GLU A 144 -1.34 -9.05 12.21
C GLU A 144 -2.56 -9.49 11.59
C GLU A 144 -2.52 -9.72 11.51
N LEU A 145 -2.85 -9.22 10.33
CA LEU A 145 -3.99 -9.73 9.61
C LEU A 145 -3.45 -10.60 8.47
N THR A 146 -4.03 -11.78 8.31
CA THR A 146 -3.73 -12.66 7.19
C THR A 146 -4.88 -12.60 6.20
N LEU A 147 -4.56 -12.33 4.94
CA LEU A 147 -5.56 -12.28 3.89
C LEU A 147 -5.19 -13.30 2.81
N LYS A 148 -6.09 -14.24 2.57
CA LYS A 148 -5.89 -15.25 1.56
C LYS A 148 -5.93 -14.62 0.17
N VAL A 149 -4.99 -15.06 -0.66
N VAL A 149 -5.01 -15.05 -0.67
CA VAL A 149 -4.92 -14.71 -2.07
CA VAL A 149 -5.05 -14.68 -2.07
C VAL A 149 -4.69 -16.01 -2.81
C VAL A 149 -4.72 -15.93 -2.88
N GLY A 150 -5.75 -16.64 -3.30
CA GLY A 150 -5.56 -17.93 -3.93
C GLY A 150 -4.95 -18.92 -2.97
N THR A 151 -3.85 -19.57 -3.39
CA THR A 151 -3.17 -20.54 -2.55
C THR A 151 -2.13 -19.92 -1.67
N LYS A 152 -2.01 -18.61 -1.69
CA LYS A 152 -1.03 -17.87 -0.94
C LYS A 152 -1.74 -16.95 0.04
N ALA A 153 -0.96 -16.12 0.73
CA ALA A 153 -1.53 -15.10 1.57
C ALA A 153 -0.65 -13.86 1.55
N VAL A 154 -1.25 -12.72 1.88
N VAL A 154 -1.27 -12.73 1.87
CA VAL A 154 -0.54 -11.49 2.14
CA VAL A 154 -0.58 -11.49 2.15
C VAL A 154 -0.86 -11.12 3.58
C VAL A 154 -0.88 -11.11 3.60
N PHE A 155 0.08 -10.45 4.22
CA PHE A 155 0.02 -10.14 5.65
C PHE A 155 0.04 -8.62 5.84
N VAL A 156 -0.77 -8.15 6.76
CA VAL A 156 -0.82 -6.73 7.07
C VAL A 156 -0.38 -6.61 8.51
N HIS A 157 0.55 -5.69 8.78
CA HIS A 157 1.20 -5.69 10.08
C HIS A 157 1.47 -4.28 10.55
N TYR A 158 1.15 -4.00 11.82
CA TYR A 158 1.47 -2.75 12.47
C TYR A 158 2.78 -2.88 13.23
N PHE A 159 3.72 -2.00 12.92
CA PHE A 159 5.01 -1.97 13.58
C PHE A 159 5.24 -0.69 14.36
N GLY A 160 4.27 0.22 14.41
CA GLY A 160 4.41 1.46 15.12
C GLY A 160 4.18 2.67 14.23
N GLU A 161 4.30 3.84 14.87
CA GLU A 161 3.97 5.10 14.21
C GLU A 161 5.11 5.57 13.29
N GLY A 162 4.75 6.42 12.33
CA GLY A 162 5.72 7.02 11.46
C GLY A 162 5.10 8.14 10.65
N HIS A 163 4.82 7.83 9.39
CA HIS A 163 4.11 8.78 8.54
C HIS A 163 2.79 9.20 9.17
N THR A 164 2.09 8.25 9.77
CA THR A 164 0.95 8.54 10.63
C THR A 164 1.00 7.61 11.84
N GLN A 165 0.10 7.84 12.80
CA GLN A 165 0.07 6.98 13.97
C GLN A 165 -0.41 5.56 13.65
N ASP A 166 -1.20 5.40 12.58
CA ASP A 166 -1.91 4.17 12.27
C ASP A 166 -1.31 3.39 11.10
N ASN A 167 -0.23 3.87 10.54
CA ASN A 167 0.26 3.23 9.33
C ASN A 167 0.67 1.77 9.47
N VAL A 168 0.32 0.97 8.47
CA VAL A 168 0.64 -0.45 8.45
C VAL A 168 1.33 -0.78 7.15
N ILE A 169 1.99 -1.95 7.14
CA ILE A 169 2.61 -2.45 5.93
C ILE A 169 1.85 -3.66 5.42
N GLY A 170 2.13 -4.00 4.15
CA GLY A 170 1.71 -5.26 3.59
C GLY A 170 2.94 -6.06 3.20
N TYR A 171 2.95 -7.34 3.56
CA TYR A 171 4.10 -8.20 3.31
C TYR A 171 3.62 -9.44 2.56
N PHE A 172 4.25 -9.72 1.44
CA PHE A 172 3.91 -10.88 0.61
C PHE A 172 5.14 -11.75 0.52
N PRO A 173 5.22 -12.81 1.33
CA PRO A 173 6.49 -13.50 1.47
C PRO A 173 6.89 -14.30 0.24
N ASP A 174 5.94 -14.80 -0.55
CA ASP A 174 6.33 -15.68 -1.66
C ASP A 174 7.28 -15.00 -2.62
N ASP A 175 7.08 -13.70 -2.89
CA ASP A 175 7.98 -12.95 -3.75
C ASP A 175 8.92 -12.06 -2.95
N GLN A 176 8.86 -12.11 -1.62
CA GLN A 176 9.68 -11.25 -0.75
C GLN A 176 9.49 -9.76 -1.12
N VAL A 177 8.19 -9.37 -1.10
CA VAL A 177 7.78 -8.02 -1.46
C VAL A 177 7.13 -7.35 -0.26
N LEU A 178 7.48 -6.10 -0.03
CA LEU A 178 6.88 -5.30 1.00
C LEU A 178 6.22 -4.10 0.35
N PHE A 179 4.94 -3.88 0.66
CA PHE A 179 4.29 -2.61 0.41
C PHE A 179 4.46 -1.76 1.67
N GLY A 180 5.36 -0.77 1.60
CA GLY A 180 5.64 0.07 2.75
C GLY A 180 4.66 1.19 2.94
N GLY A 181 3.91 1.53 1.90
CA GLY A 181 3.04 2.69 1.98
C GLY A 181 3.84 3.93 2.31
N CYS A 182 3.15 4.94 2.86
CA CYS A 182 3.81 6.23 3.01
C CYS A 182 4.79 6.26 4.16
N LEU A 183 4.84 5.18 4.95
CA LEU A 183 5.87 5.03 5.97
C LEU A 183 7.24 4.83 5.37
N ILE A 184 7.32 4.31 4.14
CA ILE A 184 8.58 4.07 3.47
C ILE A 184 8.74 5.05 2.33
N LYS A 185 9.91 5.71 2.29
CA LYS A 185 10.25 6.66 1.24
C LYS A 185 11.04 6.00 0.11
N ALA A 186 10.83 6.50 -1.11
CA ALA A 186 11.70 6.13 -2.22
C ALA A 186 13.12 6.57 -1.92
N ASN A 187 14.07 5.86 -2.53
CA ASN A 187 15.48 6.19 -2.35
C ASN A 187 15.74 7.63 -2.78
N GLY A 188 16.36 8.41 -1.90
CA GLY A 188 16.67 9.79 -2.18
C GLY A 188 15.51 10.76 -2.04
N ALA A 189 14.32 10.29 -1.65
CA ALA A 189 13.17 11.17 -1.59
C ALA A 189 13.20 12.01 -0.32
N GLY A 190 12.43 13.09 -0.35
CA GLY A 190 12.29 13.95 0.81
C GLY A 190 11.37 13.36 1.87
N LYS A 191 11.24 14.10 2.98
CA LYS A 191 10.43 13.63 4.09
C LYS A 191 8.94 13.74 3.80
N GLY A 192 8.54 14.55 2.83
CA GLY A 192 7.13 14.63 2.43
C GLY A 192 6.26 15.29 3.49
N ASN A 193 4.98 14.90 3.50
CA ASN A 193 4.00 15.52 4.37
C ASN A 193 4.17 14.98 5.78
N LEU A 194 4.57 15.86 6.70
CA LEU A 194 4.79 15.46 8.08
C LEU A 194 3.68 15.94 9.01
N GLU A 195 2.57 16.45 8.46
CA GLU A 195 1.55 17.06 9.31
C GLU A 195 0.98 16.08 10.34
N ASP A 196 0.87 14.81 9.99
CA ASP A 196 0.30 13.79 10.86
C ASP A 196 1.36 12.80 11.36
N ALA A 197 2.62 13.15 11.21
CA ALA A 197 3.72 12.22 11.44
C ALA A 197 4.20 12.21 12.89
N ASN A 198 4.82 11.09 13.27
CA ASN A 198 5.56 10.94 14.52
C ASN A 198 6.99 10.64 14.09
N VAL A 199 7.80 11.70 13.98
CA VAL A 199 9.17 11.54 13.50
C VAL A 199 10.09 10.92 14.54
N GLU A 200 9.70 10.92 15.82
CA GLU A 200 10.49 10.19 16.81
C GLU A 200 10.33 8.71 16.65
N ALA A 201 9.08 8.27 16.42
CA ALA A 201 8.82 6.84 16.29
C ALA A 201 9.31 6.30 14.95
N TRP A 202 9.28 7.12 13.92
CA TRP A 202 9.46 6.66 12.54
C TRP A 202 10.69 5.79 12.35
N PRO A 203 11.89 6.20 12.75
CA PRO A 203 13.05 5.32 12.50
C PRO A 203 12.98 4.04 13.30
N VAL A 204 12.41 4.09 14.51
CA VAL A 204 12.27 2.90 15.33
C VAL A 204 11.35 1.90 14.64
N THR A 205 10.19 2.38 14.17
CA THR A 205 9.26 1.53 13.42
C THR A 205 9.92 0.93 12.20
N VAL A 206 10.65 1.74 11.42
CA VAL A 206 11.27 1.20 10.22
C VAL A 206 12.34 0.17 10.54
N ASN A 207 13.12 0.38 11.60
CA ASN A 207 14.10 -0.63 11.93
C ASN A 207 13.42 -1.94 12.33
N LYS A 208 12.24 -1.86 12.98
CA LYS A 208 11.55 -3.10 13.32
C LYS A 208 11.19 -3.85 12.05
N ILE A 209 10.79 -3.10 10.99
CA ILE A 209 10.44 -3.70 9.70
C ILE A 209 11.66 -4.35 9.06
N SER A 210 12.77 -3.62 9.01
N SER A 210 12.78 -3.65 9.03
CA SER A 210 13.97 -4.20 8.43
CA SER A 210 13.94 -4.24 8.38
C SER A 210 14.37 -5.47 9.18
C SER A 210 14.51 -5.42 9.18
N THR A 211 14.33 -5.41 10.50
CA THR A 211 14.71 -6.57 11.31
C THR A 211 13.76 -7.75 11.11
N ALA A 212 12.48 -7.48 10.86
CA ALA A 212 11.50 -8.54 10.67
C ALA A 212 11.63 -9.21 9.30
N TYR A 213 11.99 -8.44 8.27
CA TYR A 213 12.01 -8.91 6.88
C TYR A 213 13.38 -8.71 6.25
N PRO A 214 14.39 -9.38 6.77
CA PRO A 214 15.76 -9.19 6.24
C PRO A 214 15.96 -9.72 4.84
N ASN A 215 15.04 -10.53 4.33
CA ASN A 215 15.21 -11.16 3.04
C ASN A 215 14.43 -10.46 1.94
N LEU A 216 13.86 -9.30 2.21
CA LEU A 216 13.08 -8.62 1.19
C LEU A 216 13.89 -8.41 -0.08
N ARG A 217 13.22 -8.56 -1.22
CA ARG A 217 13.79 -8.27 -2.52
C ARG A 217 13.22 -7.03 -3.15
N LEU A 218 12.00 -6.68 -2.82
CA LEU A 218 11.34 -5.54 -3.44
C LEU A 218 10.56 -4.80 -2.37
N VAL A 219 10.75 -3.47 -2.33
CA VAL A 219 10.06 -2.58 -1.39
C VAL A 219 9.38 -1.50 -2.21
N ILE A 220 8.08 -1.33 -1.98
CA ILE A 220 7.24 -0.38 -2.71
C ILE A 220 6.87 0.75 -1.75
N PRO A 221 7.33 1.97 -1.99
CA PRO A 221 6.99 3.10 -1.13
C PRO A 221 5.64 3.65 -1.54
N GLY A 222 5.10 4.52 -0.69
CA GLY A 222 3.82 5.13 -0.97
C GLY A 222 3.84 6.12 -2.10
N HIS A 223 5.03 6.67 -2.41
CA HIS A 223 5.21 7.61 -3.50
C HIS A 223 6.59 7.36 -4.10
N GLY A 224 6.71 7.48 -5.41
CA GLY A 224 8.02 7.37 -6.05
C GLY A 224 8.36 5.97 -6.48
N ASN A 225 9.58 5.78 -6.96
N ASN A 225 9.62 5.81 -6.86
CA ASN A 225 9.89 4.48 -7.52
CA ASN A 225 10.10 4.55 -7.41
C ASN A 225 10.29 3.46 -6.46
C ASN A 225 10.23 3.48 -6.33
N TRP A 226 9.82 2.25 -6.67
CA TRP A 226 10.13 1.13 -5.82
C TRP A 226 11.58 0.69 -6.05
N GLY A 227 12.03 -0.15 -5.16
CA GLY A 227 13.41 -0.59 -5.17
C GLY A 227 13.54 -1.81 -4.28
N ASP A 228 14.72 -1.98 -3.70
CA ASP A 228 15.03 -3.13 -2.83
C ASP A 228 15.13 -2.68 -1.38
N LYS A 229 15.79 -3.49 -0.55
N LYS A 229 15.79 -3.50 -0.53
N LYS A 229 15.77 -3.50 -0.53
CA LYS A 229 15.93 -3.20 0.88
CA LYS A 229 15.90 -3.19 0.89
CA LYS A 229 15.85 -3.17 0.89
C LYS A 229 16.48 -1.80 1.12
C LYS A 229 16.51 -1.82 1.12
C LYS A 229 16.52 -1.81 1.14
N THR A 230 17.25 -1.28 0.15
CA THR A 230 17.80 0.07 0.27
C THR A 230 16.76 1.04 0.80
N LEU A 231 15.51 0.94 0.34
CA LEU A 231 14.51 1.93 0.72
C LEU A 231 14.27 1.95 2.22
N LEU A 232 14.34 0.78 2.86
CA LEU A 232 14.16 0.72 4.30
C LEU A 232 15.29 1.42 5.01
N HIS A 233 16.51 1.15 4.59
CA HIS A 233 17.68 1.78 5.20
C HIS A 233 17.69 3.27 4.93
N TYR A 234 17.38 3.67 3.70
CA TYR A 234 17.28 5.08 3.37
C TYR A 234 16.27 5.80 4.26
N THR A 235 15.10 5.18 4.45
CA THR A 235 14.05 5.83 5.22
C THR A 235 14.44 5.94 6.67
N GLU A 236 14.98 4.87 7.26
CA GLU A 236 15.42 4.96 8.64
C GLU A 236 16.46 6.08 8.80
N THR A 237 17.43 6.14 7.87
CA THR A 237 18.48 7.15 7.97
C THR A 237 17.93 8.55 7.85
N LEU A 238 16.95 8.73 6.96
CA LEU A 238 16.37 10.05 6.73
C LEU A 238 15.74 10.61 7.99
N PHE A 239 15.15 9.74 8.83
CA PHE A 239 14.49 10.18 10.03
C PHE A 239 15.27 9.94 11.31
N LYS A 240 16.49 9.43 11.22
CA LYS A 240 17.22 9.04 12.43
C LYS A 240 17.53 10.27 13.27
C1 EDO B . 1.34 11.02 15.23
O1 EDO B . 1.82 10.76 16.54
C2 EDO B . 0.76 12.40 15.14
O2 EDO B . -0.16 12.57 16.22
H11 EDO B . 0.57 10.29 14.97
H12 EDO B . 2.14 10.92 14.51
HO1 EDO B . 2.16 9.86 16.58
H21 EDO B . 0.25 12.55 14.19
H22 EDO B . 1.56 13.15 15.21
HO2 EDO B . -0.54 13.47 16.19
C1 EDO C . 3.83 -14.29 9.07
O1 EDO C . 3.74 -13.57 10.29
C2 EDO C . 4.35 -13.42 7.93
O2 EDO C . 5.56 -12.74 8.31
H11 EDO C . 4.52 -15.13 9.21
H12 EDO C . 2.85 -14.70 8.81
HO1 EDO C . 3.41 -14.16 10.99
H21 EDO C . 3.58 -12.68 7.66
H22 EDO C . 4.53 -14.04 7.06
HO2 EDO C . 5.87 -12.19 7.57
C1 EDO D . -22.63 -2.33 -1.11
O1 EDO D . -23.37 -2.95 -2.16
C2 EDO D . -23.11 -0.89 -0.89
O2 EDO D . -22.05 -0.07 -0.40
H11 EDO D . -21.61 -2.25 -1.43
H12 EDO D . -22.68 -2.92 -0.19
HO1 EDO D . -23.06 -3.85 -2.30
H21 EDO D . -23.51 -0.55 -1.83
H22 EDO D . -23.92 -0.90 -0.15
HO2 EDO D . -22.38 0.83 -0.26
C1 EDO E . -9.31 -12.54 1.99
O1 EDO E . -9.15 -13.53 0.98
C2 EDO E . -9.81 -13.24 3.26
O2 EDO E . -8.72 -13.95 3.89
H11 EDO E . -10.04 -11.80 1.66
H12 EDO E . -8.36 -12.05 2.17
HO1 EDO E . -8.74 -13.13 0.21
H21 EDO E . -10.19 -12.49 3.96
H22 EDO E . -10.61 -13.93 3.02
HO2 EDO E . -9.05 -14.38 4.69
C1 EDO F . -17.84 5.32 2.95
O1 EDO F . -17.57 5.06 4.36
C2 EDO F . -17.46 4.18 1.97
O2 EDO F . -18.55 3.29 1.52
H11 EDO F . -17.30 6.22 2.66
H12 EDO F . -18.90 5.54 2.83
HO1 EDO F . -17.84 5.83 4.89
H21 EDO F . -16.69 3.57 2.44
H22 EDO F . -17.00 4.63 1.09
HO2 EDO F . -18.27 2.80 0.74
ZN ZN G . -0.47 9.73 4.19
ZN ZN H . 1.11 9.24 1.13
#